data_6DMX
#
_entry.id   6DMX
#
_cell.length_a   54.997
_cell.length_b   80.311
_cell.length_c   64.641
_cell.angle_alpha   90.00
_cell.angle_beta   92.60
_cell.angle_gamma   90.00
#
_symmetry.space_group_name_H-M   'P 1 21 1'
#
loop_
_entity.id
_entity.type
_entity.pdbx_description
1 polymer 'BZIP factor'
2 polymer 'Transcriptional activator Myb'
3 polymer 'CREB-binding protein'
#
loop_
_entity_poly.entity_id
_entity_poly.type
_entity_poly.pdbx_seq_one_letter_code
_entity_poly.pdbx_strand_id
1 'polypeptide(L)' GSHMASGLFRALPVSAPEDLLVEELVDGLLSLEEELKDKEEEKAVLDGLLSLEEESRG E,J
2 'polypeptide(L)' YNDEDPEKEKRIKELELLLMSTENELKGQQAL C,A,H,F
3 'polypeptide(L)'
;MGVRKGWHEHVTQDLRSHLVHKLVQAIFPTPDPAALKDRRMENLVAYAKKVEGDMYESANSRDEYYHLLAEKIYKIQKEL
EEKRRSRL
;
D,B,I,G
#
# COMPACT_ATOMS: atom_id res chain seq x y z
N SER A 15 -10.95 -7.20 -28.22
CA SER A 15 -10.87 -7.91 -26.90
C SER A 15 -9.45 -8.43 -26.68
N ALA A 16 -8.45 -7.55 -26.83
CA ALA A 16 -7.04 -7.90 -26.60
C ALA A 16 -6.69 -7.66 -25.13
N PRO A 17 -6.58 -6.39 -24.68
CA PRO A 17 -6.29 -6.17 -23.25
C PRO A 17 -7.52 -6.23 -22.34
N GLU A 18 -8.71 -6.52 -22.90
CA GLU A 18 -10.00 -6.37 -22.20
C GLU A 18 -10.21 -7.52 -21.19
N ASP A 19 -9.85 -8.73 -21.61
CA ASP A 19 -9.91 -9.93 -20.76
C ASP A 19 -9.09 -9.71 -19.46
N LEU A 20 -8.04 -8.90 -19.52
CA LEU A 20 -7.30 -8.51 -18.31
C LEU A 20 -8.06 -7.40 -17.57
N LEU A 21 -8.60 -6.47 -18.36
CA LEU A 21 -9.42 -5.38 -17.83
C LEU A 21 -10.54 -5.98 -16.95
N VAL A 22 -11.25 -6.96 -17.53
CA VAL A 22 -12.24 -7.77 -16.80
C VAL A 22 -11.69 -8.11 -15.41
N GLU A 23 -10.42 -8.50 -15.31
CA GLU A 23 -9.82 -8.94 -14.05
C GLU A 23 -9.67 -7.75 -13.08
N GLU A 24 -9.21 -6.59 -13.57
CA GLU A 24 -9.00 -5.41 -12.69
C GLU A 24 -10.35 -4.89 -12.20
N LEU A 25 -11.24 -4.68 -13.16
CA LEU A 25 -12.57 -4.12 -12.91
C LEU A 25 -13.25 -4.91 -11.77
N VAL A 26 -13.31 -6.22 -11.99
CA VAL A 26 -13.94 -7.15 -11.07
C VAL A 26 -13.35 -6.93 -9.67
N ASP A 27 -12.03 -7.06 -9.55
CA ASP A 27 -11.36 -6.84 -8.26
C ASP A 27 -11.86 -5.53 -7.65
N GLY A 28 -11.76 -4.44 -8.42
CA GLY A 28 -12.25 -3.12 -7.94
C GLY A 28 -13.65 -3.22 -7.35
N LEU A 29 -14.55 -3.85 -8.12
CA LEU A 29 -15.93 -4.03 -7.67
C LEU A 29 -15.99 -4.81 -6.35
N LEU A 30 -15.21 -5.89 -6.27
CA LEU A 30 -15.21 -6.74 -5.06
C LEU A 30 -14.76 -5.92 -3.84
N SER A 31 -13.69 -5.14 -4.06
CA SER A 31 -13.15 -4.24 -3.03
C SER A 31 -14.24 -3.24 -2.58
N LEU A 32 -14.86 -2.57 -3.56
CA LEU A 32 -15.96 -1.62 -3.25
C LEU A 32 -17.08 -2.32 -2.44
N GLU A 33 -17.42 -3.54 -2.85
CA GLU A 33 -18.42 -4.37 -2.15
C GLU A 33 -18.02 -4.53 -0.66
N GLU A 34 -16.83 -5.09 -0.43
CA GLU A 34 -16.33 -5.21 0.96
C GLU A 34 -16.43 -3.85 1.70
N GLU A 35 -15.83 -2.82 1.10
CA GLU A 35 -15.88 -1.46 1.66
C GLU A 35 -17.30 -1.11 2.12
N LEU A 36 -18.28 -1.34 1.23
CA LEU A 36 -19.67 -0.94 1.53
C LEU A 36 -20.21 -1.77 2.71
N LYS A 37 -20.07 -3.10 2.58
CA LYS A 37 -20.45 -3.97 3.70
C LYS A 37 -19.91 -3.43 5.03
N ASP A 38 -18.62 -3.11 5.03
CA ASP A 38 -17.96 -2.74 6.26
C ASP A 38 -18.47 -1.37 6.73
N LYS A 39 -18.65 -0.42 5.82
CA LYS A 39 -19.26 0.87 6.21
C LYS A 39 -20.63 0.63 6.88
N GLU A 40 -21.43 -0.25 6.29
CA GLU A 40 -22.73 -0.58 6.89
C GLU A 40 -22.55 -1.21 8.29
N GLU A 41 -21.58 -2.12 8.41
CA GLU A 41 -21.24 -2.71 9.74
C GLU A 41 -20.94 -1.59 10.75
N GLU A 42 -20.03 -0.69 10.37
CA GLU A 42 -19.65 0.47 11.21
C GLU A 42 -20.91 1.23 11.63
N LYS A 43 -21.71 1.62 10.62
CA LYS A 43 -22.96 2.37 10.87
C LYS A 43 -23.81 1.65 11.93
N ALA A 44 -24.00 0.35 11.68
CA ALA A 44 -24.78 -0.49 12.61
C ALA A 44 -24.20 -0.41 14.02
N VAL A 45 -22.93 -0.74 14.14
CA VAL A 45 -22.26 -0.74 15.47
C VAL A 45 -22.44 0.63 16.17
N LEU A 46 -22.23 1.72 15.44
CA LEU A 46 -22.42 3.06 16.05
C LEU A 46 -23.86 3.26 16.52
N ASP A 47 -24.81 2.94 15.62
CA ASP A 47 -26.22 3.01 16.03
C ASP A 47 -26.40 2.25 17.35
N GLY A 48 -25.94 1.00 17.37
CA GLY A 48 -25.97 0.18 18.60
C GLY A 48 -25.43 0.93 19.81
N LEU A 49 -24.22 1.46 19.67
CA LEU A 49 -23.65 2.24 20.76
C LEU A 49 -24.62 3.34 21.20
N LEU A 50 -25.19 4.08 20.24
CA LEU A 50 -26.08 5.19 20.67
C LEU A 50 -27.34 4.65 21.36
N SER A 51 -27.93 3.55 20.88
CA SER A 51 -29.08 2.96 21.60
C SER A 51 -28.68 2.51 23.02
N LEU A 52 -27.49 1.92 23.16
CA LEU A 52 -26.99 1.57 24.50
C LEU A 52 -26.86 2.83 25.38
N GLU A 53 -26.24 3.87 24.82
CA GLU A 53 -26.04 5.12 25.55
C GLU A 53 -27.40 5.61 26.07
N GLU A 54 -28.37 5.74 25.15
CA GLU A 54 -29.71 6.21 25.54
C GLU A 54 -30.28 5.37 26.68
N GLU A 55 -30.27 4.04 26.52
CA GLU A 55 -30.91 3.15 27.52
C GLU A 55 -30.29 3.32 28.91
N SER A 56 -28.97 3.52 28.97
CA SER A 56 -28.37 3.71 30.29
C SER A 56 -28.88 5.01 30.93
N ARG A 57 -29.12 6.04 30.11
CA ARG A 57 -29.44 7.41 30.56
C ARG A 57 -30.92 7.53 30.97
N GLY A 58 -31.73 6.48 30.80
CA GLY A 58 -33.11 6.51 31.28
C GLY A 58 -33.81 5.17 31.15
N ASP B 5 -21.64 -23.30 -15.77
CA ASP B 5 -21.24 -23.79 -17.15
C ASP B 5 -22.33 -24.76 -17.67
N PRO B 6 -22.93 -25.60 -16.81
CA PRO B 6 -24.16 -26.32 -17.23
C PRO B 6 -25.36 -25.38 -17.37
N GLU B 7 -25.63 -24.65 -16.28
CA GLU B 7 -26.76 -23.69 -16.19
C GLU B 7 -26.43 -22.41 -16.97
N LYS B 8 -25.24 -22.34 -17.57
CA LYS B 8 -24.79 -21.20 -18.35
C LYS B 8 -25.84 -20.83 -19.40
N GLU B 9 -26.28 -21.80 -20.19
CA GLU B 9 -27.23 -21.48 -21.28
C GLU B 9 -28.47 -20.82 -20.67
N LYS B 10 -29.01 -21.43 -19.62
CA LYS B 10 -30.19 -20.90 -18.92
C LYS B 10 -30.02 -19.43 -18.54
N ARG B 11 -28.94 -19.15 -17.80
CA ARG B 11 -28.68 -17.78 -17.35
C ARG B 11 -28.54 -16.82 -18.55
N ILE B 12 -27.80 -17.26 -19.57
CA ILE B 12 -27.57 -16.47 -20.77
C ILE B 12 -28.95 -16.10 -21.32
N LYS B 13 -29.82 -17.10 -21.48
CA LYS B 13 -31.19 -16.80 -21.96
C LYS B 13 -31.88 -15.82 -21.00
N GLU B 14 -31.70 -16.01 -19.69
CA GLU B 14 -32.35 -15.14 -18.73
C GLU B 14 -31.88 -13.70 -18.98
N LEU B 15 -30.58 -13.56 -19.19
CA LEU B 15 -29.98 -12.23 -19.40
C LEU B 15 -30.48 -11.64 -20.73
N GLU B 16 -30.51 -12.45 -21.77
CA GLU B 16 -31.11 -12.02 -23.05
C GLU B 16 -32.52 -11.46 -22.80
N LEU B 17 -33.33 -12.22 -22.06
CA LEU B 17 -34.70 -11.77 -21.78
C LEU B 17 -34.69 -10.43 -21.05
N LEU B 18 -33.90 -10.38 -19.99
CA LEU B 18 -33.77 -9.15 -19.23
C LEU B 18 -33.44 -7.98 -20.16
N LEU B 19 -32.50 -8.20 -21.08
CA LEU B 19 -32.09 -7.11 -21.97
C LEU B 19 -33.23 -6.75 -22.93
N MET B 20 -33.90 -7.75 -23.51
CA MET B 20 -35.02 -7.49 -24.42
C MET B 20 -36.11 -6.69 -23.70
N SER B 21 -36.41 -7.04 -22.45
CA SER B 21 -37.46 -6.31 -21.72
C SER B 21 -37.16 -4.81 -21.65
N THR B 22 -35.96 -4.37 -22.05
CA THR B 22 -35.63 -2.95 -22.03
C THR B 22 -36.32 -2.23 -23.19
N GLU B 23 -36.62 -2.94 -24.28
CA GLU B 23 -37.30 -2.35 -25.42
C GLU B 23 -38.68 -1.85 -24.98
N ASN B 24 -39.48 -2.77 -24.42
CA ASN B 24 -40.89 -2.50 -24.19
C ASN B 24 -41.08 -1.72 -22.88
N GLU B 25 -40.00 -1.36 -22.20
CA GLU B 25 -40.05 -0.52 -21.01
C GLU B 25 -40.14 0.96 -21.45
N LEU B 26 -39.49 1.29 -22.57
CA LEU B 26 -39.45 2.68 -23.06
C LEU B 26 -40.71 3.01 -23.86
N LYS B 27 -41.62 3.78 -23.27
CA LYS B 27 -42.76 4.29 -24.00
C LYS B 27 -43.38 5.48 -23.25
N GLY B 28 -44.10 6.29 -24.01
CA GLY B 28 -45.13 7.19 -23.47
C GLY B 28 -46.52 6.66 -23.82
N GLN B 29 -47.52 7.51 -23.76
CA GLN B 29 -48.89 7.10 -24.08
C GLN B 29 -49.74 8.33 -24.37
N TRP C 7 -30.31 -3.73 -39.07
CA TRP C 7 -31.00 -3.79 -37.75
C TRP C 7 -30.70 -2.53 -36.94
N HIS C 8 -29.69 -1.76 -37.33
CA HIS C 8 -29.32 -0.51 -36.64
C HIS C 8 -30.42 0.54 -36.80
N GLU C 9 -31.22 0.44 -37.85
CA GLU C 9 -32.25 1.42 -38.14
C GLU C 9 -33.35 1.37 -37.08
N HIS C 10 -33.45 0.26 -36.34
CA HIS C 10 -34.53 0.04 -35.38
C HIS C 10 -34.01 0.13 -33.94
N VAL C 11 -32.80 0.65 -33.73
CA VAL C 11 -32.25 0.76 -32.39
C VAL C 11 -31.91 2.23 -32.14
N THR C 12 -32.42 2.76 -31.04
CA THR C 12 -32.29 4.19 -30.73
C THR C 12 -31.14 4.41 -29.75
N GLN C 13 -30.64 5.65 -29.69
CA GLN C 13 -29.58 6.04 -28.75
C GLN C 13 -30.07 5.77 -27.31
N ASP C 14 -31.32 6.16 -27.07
CA ASP C 14 -31.95 6.00 -25.76
C ASP C 14 -31.86 4.53 -25.32
N LEU C 15 -32.32 3.64 -26.19
CA LEU C 15 -32.31 2.20 -25.90
C LEU C 15 -30.89 1.74 -25.56
N ARG C 16 -29.93 2.13 -26.39
CA ARG C 16 -28.54 1.74 -26.15
C ARG C 16 -28.12 2.23 -24.74
N SER C 17 -28.41 3.50 -24.45
CA SER C 17 -28.10 4.02 -23.12
C SER C 17 -28.69 3.12 -22.02
N HIS C 18 -29.99 2.84 -22.17
CA HIS C 18 -30.70 2.01 -21.18
C HIS C 18 -30.02 0.64 -21.05
N LEU C 19 -29.66 0.04 -22.18
CA LEU C 19 -28.98 -1.25 -22.18
C LEU C 19 -27.67 -1.14 -21.40
N VAL C 20 -26.89 -0.09 -21.68
CA VAL C 20 -25.66 0.11 -20.89
C VAL C 20 -26.01 0.06 -19.39
N HIS C 21 -27.00 0.88 -19.00
CA HIS C 21 -27.38 0.94 -17.58
C HIS C 21 -27.77 -0.45 -17.06
N LYS C 22 -28.58 -1.20 -17.83
CA LYS C 22 -29.01 -2.55 -17.45
C LYS C 22 -27.78 -3.45 -17.24
N LEU C 23 -26.81 -3.36 -18.16
CA LEU C 23 -25.53 -4.07 -18.04
C LEU C 23 -24.93 -3.78 -16.65
N VAL C 24 -24.72 -2.49 -16.42
CA VAL C 24 -24.11 -2.06 -15.18
C VAL C 24 -24.87 -2.71 -14.00
N GLN C 25 -26.20 -2.55 -13.98
CA GLN C 25 -26.99 -2.99 -12.82
C GLN C 25 -26.90 -4.52 -12.66
N ALA C 26 -26.90 -5.24 -13.77
CA ALA C 26 -26.80 -6.70 -13.72
C ALA C 26 -25.43 -7.13 -13.19
N ILE C 27 -24.38 -6.40 -13.58
CA ILE C 27 -23.03 -6.75 -13.08
C ILE C 27 -22.94 -6.43 -11.59
N PHE C 28 -23.29 -5.19 -11.24
CA PHE C 28 -23.12 -4.73 -9.86
C PHE C 28 -24.37 -3.96 -9.42
N PRO C 29 -25.40 -4.70 -9.00
CA PRO C 29 -26.63 -4.05 -8.59
C PRO C 29 -26.34 -3.24 -7.32
N THR C 30 -26.60 -1.95 -7.37
CA THR C 30 -26.35 -1.09 -6.23
C THR C 30 -27.52 -0.11 -6.07
N PRO C 31 -28.16 -0.10 -4.89
CA PRO C 31 -29.16 0.93 -4.53
C PRO C 31 -28.50 2.28 -4.22
N ASP C 32 -27.36 2.21 -3.54
CA ASP C 32 -26.55 3.36 -3.08
C ASP C 32 -26.42 4.43 -4.17
N PRO C 33 -26.43 5.72 -3.79
CA PRO C 33 -25.99 6.81 -4.64
C PRO C 33 -24.48 7.10 -4.52
N ALA C 34 -23.88 6.88 -3.34
CA ALA C 34 -22.49 7.30 -3.08
C ALA C 34 -21.51 6.33 -3.73
N ALA C 35 -21.99 5.15 -4.15
CA ALA C 35 -21.15 4.19 -4.87
C ALA C 35 -20.98 4.65 -6.32
N LEU C 36 -22.02 5.28 -6.87
CA LEU C 36 -22.02 5.72 -8.27
C LEU C 36 -20.95 6.80 -8.48
N LYS C 37 -20.58 7.50 -7.40
CA LYS C 37 -19.58 8.57 -7.45
C LYS C 37 -18.17 8.02 -7.26
N ASP C 38 -18.02 6.71 -7.04
CA ASP C 38 -16.71 6.07 -6.81
C ASP C 38 -16.08 5.73 -8.17
N ARG C 39 -14.75 5.67 -8.20
CA ARG C 39 -13.99 5.53 -9.46
C ARG C 39 -14.19 4.14 -10.07
N ARG C 40 -14.27 3.11 -9.21
CA ARG C 40 -14.41 1.73 -9.69
C ARG C 40 -15.74 1.58 -10.44
N MET C 41 -16.78 2.18 -9.87
CA MET C 41 -18.11 2.16 -10.49
C MET C 41 -18.04 2.87 -11.86
N GLU C 42 -17.42 4.04 -11.89
CA GLU C 42 -17.27 4.80 -13.14
C GLU C 42 -16.54 3.93 -14.16
N ASN C 43 -15.50 3.22 -13.70
CA ASN C 43 -14.76 2.28 -14.55
C ASN C 43 -15.71 1.21 -15.10
N LEU C 44 -16.57 0.68 -14.23
CA LEU C 44 -17.59 -0.28 -14.71
C LEU C 44 -18.47 0.38 -15.79
N VAL C 45 -19.02 1.56 -15.52
CA VAL C 45 -19.93 2.14 -16.51
C VAL C 45 -19.16 2.27 -17.84
N ALA C 46 -17.91 2.77 -17.74
CA ALA C 46 -17.10 2.95 -18.94
C ALA C 46 -16.93 1.61 -19.68
N TYR C 47 -16.57 0.57 -18.93
CA TYR C 47 -16.40 -0.75 -19.52
C TYR C 47 -17.68 -1.16 -20.25
N ALA C 48 -18.81 -0.99 -19.55
CA ALA C 48 -20.09 -1.35 -20.13
C ALA C 48 -20.30 -0.59 -21.46
N LYS C 49 -20.02 0.72 -21.47
CA LYS C 49 -20.19 1.49 -22.72
C LYS C 49 -19.33 0.89 -23.85
N LYS C 50 -18.08 0.57 -23.51
CA LYS C 50 -17.18 -0.01 -24.50
C LYS C 50 -17.75 -1.33 -25.02
N VAL C 51 -18.14 -2.21 -24.10
CA VAL C 51 -18.73 -3.51 -24.48
C VAL C 51 -19.92 -3.29 -25.41
N GLU C 52 -20.84 -2.43 -25.00
CA GLU C 52 -22.05 -2.16 -25.79
C GLU C 52 -21.63 -1.68 -27.19
N GLY C 53 -20.70 -0.74 -27.25
CA GLY C 53 -20.17 -0.31 -28.56
C GLY C 53 -19.67 -1.48 -29.40
N ASP C 54 -18.79 -2.29 -28.79
CA ASP C 54 -18.20 -3.40 -29.53
C ASP C 54 -19.30 -4.32 -30.05
N MET C 55 -20.27 -4.64 -29.19
CA MET C 55 -21.33 -5.56 -29.62
C MET C 55 -22.19 -4.91 -30.71
N TYR C 56 -22.51 -3.63 -30.56
CA TYR C 56 -23.27 -2.87 -31.58
C TYR C 56 -22.54 -2.95 -32.93
N GLU C 57 -21.22 -2.72 -32.92
CA GLU C 57 -20.45 -2.84 -34.15
C GLU C 57 -20.50 -4.28 -34.67
N SER C 58 -20.20 -5.27 -33.82
CA SER C 58 -19.98 -6.66 -34.30
C SER C 58 -21.28 -7.34 -34.73
N ALA C 59 -22.37 -7.18 -33.98
CA ALA C 59 -23.55 -8.03 -34.21
C ALA C 59 -24.14 -7.75 -35.60
N ASN C 60 -24.66 -8.80 -36.24
CA ASN C 60 -25.32 -8.72 -37.55
C ASN C 60 -26.84 -8.85 -37.38
N SER C 61 -27.34 -8.80 -36.14
CA SER C 61 -28.79 -8.78 -35.88
C SER C 61 -29.03 -8.39 -34.42
N ARG C 62 -30.26 -7.97 -34.10
CA ARG C 62 -30.62 -7.51 -32.76
C ARG C 62 -30.47 -8.67 -31.76
N ASP C 63 -30.90 -9.86 -32.18
CA ASP C 63 -30.86 -11.05 -31.34
C ASP C 63 -29.41 -11.41 -31.02
N GLU C 64 -28.57 -11.42 -32.06
CA GLU C 64 -27.14 -11.68 -31.90
C GLU C 64 -26.54 -10.69 -30.90
N TYR C 65 -26.87 -9.42 -31.09
CA TYR C 65 -26.45 -8.31 -30.22
C TYR C 65 -26.79 -8.63 -28.76
N TYR C 66 -28.09 -8.85 -28.51
CA TYR C 66 -28.52 -9.24 -27.15
C TYR C 66 -27.74 -10.45 -26.63
N HIS C 67 -27.60 -11.46 -27.48
CA HIS C 67 -26.89 -12.67 -27.09
C HIS C 67 -25.47 -12.35 -26.61
N LEU C 68 -24.75 -11.60 -27.43
CA LEU C 68 -23.36 -11.23 -27.14
C LEU C 68 -23.28 -10.44 -25.82
N LEU C 69 -24.15 -9.43 -25.71
CA LEU C 69 -24.18 -8.67 -24.44
C LEU C 69 -24.37 -9.65 -23.27
N ALA C 70 -25.35 -10.55 -23.42
CA ALA C 70 -25.67 -11.50 -22.35
C ALA C 70 -24.43 -12.35 -22.01
N GLU C 71 -23.79 -12.91 -23.02
CA GLU C 71 -22.54 -13.70 -22.82
C GLU C 71 -21.56 -12.90 -21.96
N LYS C 72 -21.31 -11.66 -22.36
CA LYS C 72 -20.33 -10.83 -21.65
C LYS C 72 -20.75 -10.62 -20.19
N ILE C 73 -22.03 -10.27 -20.00
CA ILE C 73 -22.52 -10.10 -18.62
C ILE C 73 -22.27 -11.40 -17.83
N TYR C 74 -22.66 -12.51 -18.41
CA TYR C 74 -22.55 -13.80 -17.73
C TYR C 74 -21.11 -14.00 -17.30
N LYS C 75 -20.19 -13.79 -18.24
CA LYS C 75 -18.78 -14.03 -17.93
C LYS C 75 -18.39 -13.15 -16.72
N ILE C 76 -18.71 -11.85 -16.79
CA ILE C 76 -18.28 -10.97 -15.68
C ILE C 76 -18.87 -11.47 -14.35
N GLN C 77 -20.14 -11.83 -14.40
CA GLN C 77 -20.81 -12.31 -13.20
C GLN C 77 -20.09 -13.56 -12.67
N LYS C 78 -19.83 -14.51 -13.54
CA LYS C 78 -19.14 -15.75 -13.14
C LYS C 78 -17.82 -15.39 -12.46
N GLU C 79 -17.02 -14.54 -13.11
CA GLU C 79 -15.71 -14.16 -12.54
C GLU C 79 -15.92 -13.63 -11.10
N LEU C 80 -16.82 -12.65 -10.99
CA LEU C 80 -17.13 -12.02 -9.69
C LEU C 80 -17.54 -13.09 -8.65
N GLU C 81 -18.43 -14.00 -9.05
CA GLU C 81 -18.89 -15.04 -8.13
C GLU C 81 -17.69 -15.88 -7.70
N GLU C 82 -16.92 -16.35 -8.66
CA GLU C 82 -15.75 -17.20 -8.38
C GLU C 82 -14.85 -16.52 -7.35
N LYS C 83 -14.50 -15.24 -7.64
CA LYS C 83 -13.61 -14.54 -6.70
C LYS C 83 -14.29 -14.40 -5.33
N ARG C 84 -15.61 -14.12 -5.30
CA ARG C 84 -16.27 -14.03 -3.98
C ARG C 84 -16.10 -15.36 -3.22
N ARG C 85 -16.48 -16.47 -3.85
CA ARG C 85 -16.30 -17.81 -3.22
C ARG C 85 -14.85 -17.98 -2.76
N SER C 86 -13.89 -17.62 -3.61
CA SER C 86 -12.48 -17.78 -3.23
C SER C 86 -12.20 -17.09 -1.87
N ARG C 87 -12.87 -15.97 -1.60
CA ARG C 87 -12.53 -15.07 -0.50
C ARG C 87 -13.44 -15.37 0.70
N ASP D 3 -8.90 16.84 8.11
CA ASP D 3 -9.37 17.40 6.80
C ASP D 3 -9.60 18.90 6.99
N GLU D 4 -10.57 19.24 7.83
CA GLU D 4 -10.91 20.64 8.11
C GLU D 4 -11.02 20.82 9.63
N ASP D 5 -10.12 20.19 10.38
CA ASP D 5 -10.06 20.37 11.83
C ASP D 5 -8.65 20.84 12.23
N PRO D 6 -8.58 21.89 13.08
CA PRO D 6 -7.29 22.31 13.65
C PRO D 6 -6.71 21.28 14.63
N GLU D 7 -7.54 20.90 15.61
CA GLU D 7 -7.12 20.07 16.74
C GLU D 7 -6.94 18.60 16.32
N LYS D 8 -7.24 18.27 15.06
CA LYS D 8 -7.13 16.89 14.60
C LYS D 8 -5.72 16.33 14.87
N GLU D 9 -4.70 17.05 14.45
CA GLU D 9 -3.32 16.59 14.58
C GLU D 9 -3.06 16.28 16.07
N LYS D 10 -3.40 17.26 16.91
CA LYS D 10 -3.22 17.13 18.36
C LYS D 10 -3.91 15.86 18.85
N ARG D 11 -5.18 15.71 18.50
CA ARG D 11 -5.97 14.53 18.92
C ARG D 11 -5.24 13.25 18.49
N ILE D 12 -4.86 13.19 17.21
CA ILE D 12 -4.17 12.01 16.66
C ILE D 12 -2.92 11.70 17.50
N LYS D 13 -2.10 12.72 17.75
CA LYS D 13 -0.92 12.50 18.61
C LYS D 13 -1.34 11.98 19.99
N GLU D 14 -2.41 12.54 20.55
CA GLU D 14 -2.88 12.11 21.87
C GLU D 14 -3.20 10.60 21.82
N LEU D 15 -3.87 10.21 20.75
CA LEU D 15 -4.25 8.80 20.59
C LEU D 15 -3.00 7.92 20.42
N GLU D 16 -2.07 8.40 19.60
CA GLU D 16 -0.77 7.71 19.48
C GLU D 16 -0.16 7.49 20.88
N LEU D 17 -0.12 8.56 21.67
CA LEU D 17 0.43 8.46 23.04
C LEU D 17 -0.32 7.40 23.85
N LEU D 18 -1.65 7.53 23.86
CA LEU D 18 -2.48 6.57 24.57
C LEU D 18 -2.10 5.14 24.15
N LEU D 19 -1.94 4.91 22.85
CA LEU D 19 -1.65 3.56 22.39
C LEU D 19 -0.24 3.14 22.84
N MET D 20 0.73 4.03 22.70
CA MET D 20 2.11 3.70 23.14
C MET D 20 2.13 3.36 24.63
N SER D 21 1.40 4.12 25.44
CA SER D 21 1.38 3.86 26.89
C SER D 21 0.94 2.42 27.19
N THR D 22 0.45 1.67 26.21
CA THR D 22 0.04 0.28 26.43
C THR D 22 1.28 -0.61 26.59
N GLU D 23 2.40 -0.21 25.99
CA GLU D 23 3.64 -0.99 26.09
C GLU D 23 4.11 -1.01 27.55
N ASN D 24 4.24 0.15 28.15
CA ASN D 24 4.85 0.33 29.47
C ASN D 24 3.88 -0.06 30.59
N GLU D 25 2.64 -0.41 30.26
CA GLU D 25 1.64 -0.82 31.23
C GLU D 25 1.84 -2.31 31.50
N LEU D 26 2.31 -3.05 30.49
CA LEU D 26 2.55 -4.48 30.61
C LEU D 26 3.53 -4.75 31.76
N LYS E 5 6.47 -9.39 7.47
CA LYS E 5 6.88 -7.97 7.75
C LYS E 5 7.67 -7.94 9.07
N GLY E 6 8.75 -7.16 9.08
CA GLY E 6 9.79 -7.33 10.09
C GLY E 6 9.28 -6.94 11.47
N TRP E 7 8.74 -5.75 11.53
CA TRP E 7 8.33 -5.15 12.78
C TRP E 7 7.36 -6.08 13.53
N HIS E 8 6.79 -7.07 12.85
CA HIS E 8 5.86 -8.03 13.47
C HIS E 8 6.56 -8.90 14.51
N GLU E 9 7.88 -9.09 14.36
CA GLU E 9 8.64 -9.95 15.24
C GLU E 9 8.70 -9.36 16.65
N HIS E 10 8.45 -8.06 16.78
CA HIS E 10 8.59 -7.36 18.06
C HIS E 10 7.22 -6.98 18.65
N VAL E 11 6.13 -7.54 18.11
CA VAL E 11 4.80 -7.23 18.61
C VAL E 11 4.15 -8.55 19.05
N THR E 12 3.66 -8.56 20.28
CA THR E 12 3.15 -9.78 20.89
C THR E 12 1.61 -9.81 20.77
N GLN E 13 1.06 -11.00 20.88
CA GLN E 13 -0.39 -11.23 20.88
C GLN E 13 -1.02 -10.42 22.02
N ASP E 14 -0.39 -10.47 23.18
CA ASP E 14 -0.84 -9.79 24.38
C ASP E 14 -1.02 -8.28 24.08
N LEU E 15 0.04 -7.68 23.54
CA LEU E 15 0.03 -6.25 23.23
C LEU E 15 -1.13 -5.94 22.29
N ARG E 16 -1.26 -6.73 21.24
CA ARG E 16 -2.34 -6.50 20.28
C ARG E 16 -3.68 -6.57 21.02
N SER E 17 -3.87 -7.59 21.86
CA SER E 17 -5.10 -7.70 22.62
C SER E 17 -5.36 -6.41 23.42
N HIS E 18 -4.32 -5.97 24.14
CA HIS E 18 -4.43 -4.75 24.95
C HIS E 18 -4.82 -3.56 24.08
N LEU E 19 -4.17 -3.43 22.91
CA LEU E 19 -4.48 -2.36 21.98
C LEU E 19 -5.95 -2.45 21.56
N VAL E 20 -6.42 -3.63 21.20
CA VAL E 20 -7.83 -3.80 20.87
C VAL E 20 -8.68 -3.22 22.01
N HIS E 21 -8.39 -3.66 23.24
CA HIS E 21 -9.18 -3.18 24.40
C HIS E 21 -9.14 -1.64 24.49
N LYS E 22 -7.95 -1.07 24.34
CA LYS E 22 -7.78 0.41 24.37
C LYS E 22 -8.64 1.06 23.28
N LEU E 23 -8.64 0.47 22.09
CA LEU E 23 -9.53 0.93 21.00
C LEU E 23 -10.98 0.98 21.49
N VAL E 24 -11.42 -0.19 21.96
CA VAL E 24 -12.79 -0.28 22.44
C VAL E 24 -13.05 0.85 23.45
N GLN E 25 -12.17 0.97 24.45
CA GLN E 25 -12.41 1.93 25.55
C GLN E 25 -12.41 3.37 25.02
N ALA E 26 -11.54 3.67 24.06
CA ALA E 26 -11.48 5.00 23.46
C ALA E 26 -12.78 5.29 22.69
N ILE E 27 -13.31 4.28 22.00
CA ILE E 27 -14.57 4.48 21.26
C ILE E 27 -15.71 4.67 22.26
N PHE E 28 -15.86 3.72 23.18
CA PHE E 28 -16.99 3.73 24.12
C PHE E 28 -16.49 3.41 25.52
N PRO E 29 -15.99 4.42 26.23
CA PRO E 29 -15.47 4.21 27.57
C PRO E 29 -16.65 3.80 28.48
N THR E 30 -16.55 2.61 29.08
CA THR E 30 -17.61 2.14 29.95
C THR E 30 -16.97 1.40 31.13
N PRO E 31 -17.30 1.83 32.37
CA PRO E 31 -16.91 1.08 33.58
C PRO E 31 -17.88 -0.07 33.88
N ASP E 32 -18.36 -0.76 32.84
CA ASP E 32 -19.17 -1.98 32.93
C ASP E 32 -20.31 -1.85 33.94
N PRO E 33 -21.42 -1.20 33.53
CA PRO E 33 -22.77 -1.42 34.11
C PRO E 33 -23.49 -2.60 33.41
N ALA E 34 -22.79 -3.73 33.30
CA ALA E 34 -23.27 -4.94 32.58
C ALA E 34 -23.31 -4.71 31.06
N ALA E 35 -22.60 -3.69 30.60
CA ALA E 35 -22.66 -3.26 29.21
C ALA E 35 -21.80 -4.20 28.36
N LEU E 36 -20.71 -4.71 28.93
CA LEU E 36 -19.78 -5.58 28.20
C LEU E 36 -20.48 -6.88 27.79
N LYS E 37 -21.54 -7.25 28.51
CA LYS E 37 -22.27 -8.49 28.26
C LYS E 37 -23.38 -8.26 27.22
N ASP E 38 -23.55 -7.03 26.74
CA ASP E 38 -24.56 -6.71 25.72
C ASP E 38 -24.02 -7.03 24.32
N ARG E 39 -24.92 -7.34 23.38
CA ARG E 39 -24.53 -7.78 22.03
C ARG E 39 -23.89 -6.62 21.24
N ARG E 40 -24.40 -5.42 21.42
CA ARG E 40 -23.90 -4.25 20.69
C ARG E 40 -22.44 -3.99 21.06
N MET E 41 -22.15 -4.11 22.34
CA MET E 41 -20.78 -3.97 22.83
C MET E 41 -19.87 -5.05 22.21
N GLU E 42 -20.34 -6.30 22.22
CA GLU E 42 -19.60 -7.40 21.61
C GLU E 42 -19.32 -7.07 20.13
N ASN E 43 -20.35 -6.52 19.46
CA ASN E 43 -20.20 -6.08 18.06
C ASN E 43 -19.09 -5.02 17.94
N LEU E 44 -19.10 -4.08 18.88
CA LEU E 44 -17.98 -3.10 18.91
C LEU E 44 -16.63 -3.82 19.07
N VAL E 45 -16.51 -4.71 20.05
CA VAL E 45 -15.19 -5.34 20.24
C VAL E 45 -14.80 -6.03 18.92
N ALA E 46 -15.76 -6.73 18.32
CA ALA E 46 -15.47 -7.43 17.06
C ALA E 46 -14.98 -6.43 15.99
N TYR E 47 -15.70 -5.33 15.85
CA TYR E 47 -15.29 -4.31 14.89
C TYR E 47 -13.84 -3.86 15.18
N ALA E 48 -13.58 -3.58 16.45
CA ALA E 48 -12.24 -3.17 16.86
C ALA E 48 -11.21 -4.23 16.45
N LYS E 49 -11.50 -5.50 16.69
CA LYS E 49 -10.56 -6.57 16.29
C LYS E 49 -10.29 -6.51 14.77
N LYS E 50 -11.34 -6.32 14.00
CA LYS E 50 -11.18 -6.22 12.55
C LYS E 50 -10.27 -5.03 12.20
N VAL E 51 -10.58 -3.87 12.77
CA VAL E 51 -9.76 -2.67 12.54
C VAL E 51 -8.28 -2.95 12.87
N GLU E 52 -8.06 -3.47 14.08
CA GLU E 52 -6.69 -3.78 14.54
C GLU E 52 -6.02 -4.72 13.54
N GLY E 53 -6.72 -5.77 13.15
CA GLY E 53 -6.19 -6.69 12.12
C GLY E 53 -5.81 -5.95 10.85
N ASP E 54 -6.72 -5.13 10.33
CA ASP E 54 -6.45 -4.43 9.07
C ASP E 54 -5.18 -3.59 9.23
N MET E 55 -5.08 -2.87 10.34
CA MET E 55 -3.90 -2.01 10.52
C MET E 55 -2.62 -2.87 10.66
N TYR E 56 -2.70 -3.97 11.41
CA TYR E 56 -1.58 -4.91 11.58
C TYR E 56 -1.12 -5.41 10.22
N GLU E 57 -2.06 -5.83 9.37
CA GLU E 57 -1.72 -6.27 8.02
C GLU E 57 -1.07 -5.12 7.24
N SER E 58 -1.73 -3.96 7.21
CA SER E 58 -1.32 -2.90 6.27
C SER E 58 -0.02 -2.21 6.69
N ALA E 59 0.17 -1.92 7.98
CA ALA E 59 1.31 -1.05 8.36
C ALA E 59 2.65 -1.70 8.00
N ASN E 60 3.61 -0.87 7.61
CA ASN E 60 4.97 -1.33 7.28
C ASN E 60 5.96 -0.95 8.40
N SER E 61 5.44 -0.48 9.55
CA SER E 61 6.25 -0.20 10.73
C SER E 61 5.35 -0.02 11.96
N ARG E 62 5.92 -0.12 13.16
CA ARG E 62 5.15 -0.03 14.41
C ARG E 62 4.51 1.35 14.54
N ASP E 63 5.29 2.36 14.17
CA ASP E 63 4.89 3.76 14.26
C ASP E 63 3.69 4.00 13.31
N GLU E 64 3.84 3.53 12.08
CA GLU E 64 2.78 3.61 11.08
C GLU E 64 1.50 2.96 11.64
N TYR E 65 1.66 1.77 12.19
CA TYR E 65 0.59 0.99 12.80
C TYR E 65 -0.14 1.86 13.84
N TYR E 66 0.60 2.34 14.83
CA TYR E 66 0.01 3.23 15.85
C TYR E 66 -0.72 4.42 15.21
N HIS E 67 -0.04 5.03 14.23
CA HIS E 67 -0.61 6.19 13.55
C HIS E 67 -1.98 5.84 12.94
N LEU E 68 -2.01 4.75 12.19
CA LEU E 68 -3.22 4.30 11.49
C LEU E 68 -4.32 4.01 12.51
N LEU E 69 -3.97 3.25 13.56
CA LEU E 69 -4.99 3.01 14.59
C LEU E 69 -5.55 4.36 15.08
N ALA E 70 -4.63 5.29 15.38
CA ALA E 70 -5.08 6.58 15.91
C ALA E 70 -6.03 7.28 14.93
N GLU E 71 -5.61 7.37 13.67
CA GLU E 71 -6.46 7.96 12.61
C GLU E 71 -7.88 7.35 12.66
N LYS E 72 -7.92 6.02 12.65
CA LYS E 72 -9.22 5.32 12.59
C LYS E 72 -10.03 5.64 13.86
N ILE E 73 -9.40 5.59 15.02
CA ILE E 73 -10.11 5.96 16.26
C ILE E 73 -10.71 7.36 16.10
N TYR E 74 -9.88 8.29 15.67
CA TYR E 74 -10.33 9.68 15.54
C TYR E 74 -11.58 9.74 14.66
N LYS E 75 -11.48 9.06 13.51
CA LYS E 75 -12.61 9.09 12.57
C LYS E 75 -13.87 8.56 13.29
N ILE E 76 -13.74 7.39 13.93
CA ILE E 76 -14.92 6.78 14.57
C ILE E 76 -15.49 7.77 15.59
N GLN E 77 -14.60 8.37 16.37
CA GLN E 77 -15.05 9.27 17.41
C GLN E 77 -15.82 10.44 16.79
N LYS E 78 -15.24 11.04 15.75
CA LYS E 78 -15.94 12.16 15.10
C LYS E 78 -17.35 11.72 14.67
N GLU E 79 -17.40 10.59 13.96
CA GLU E 79 -18.71 10.09 13.46
C GLU E 79 -19.68 9.95 14.64
N LEU E 80 -19.23 9.25 15.69
CA LEU E 80 -20.06 9.02 16.89
C LEU E 80 -20.54 10.35 17.50
N GLU E 81 -19.65 11.32 17.62
CA GLU E 81 -20.06 12.64 18.16
C GLU E 81 -21.17 13.21 17.27
N GLU E 82 -20.90 13.25 15.96
CA GLU E 82 -21.88 13.79 15.01
C GLU E 82 -23.23 13.09 15.17
N LYS E 83 -23.23 11.77 15.19
CA LYS E 83 -24.49 11.03 15.36
C LYS E 83 -25.13 11.36 16.72
N ARG E 84 -24.34 11.49 17.78
CA ARG E 84 -24.94 11.88 19.07
C ARG E 84 -25.67 13.22 18.92
N ARG E 85 -24.98 14.24 18.42
CA ARG E 85 -25.62 15.55 18.17
C ARG E 85 -26.89 15.37 17.31
N SER E 86 -26.80 14.59 16.24
CA SER E 86 -27.97 14.36 15.38
C SER E 86 -29.16 13.83 16.21
N ARG E 87 -28.87 12.90 17.14
CA ARG E 87 -29.95 12.22 17.92
C ARG E 87 -30.43 13.06 19.11
N LEU E 88 -29.80 14.19 19.43
CA LEU E 88 -30.39 15.06 20.49
C LEU E 88 -31.77 15.54 20.04
N GLU F 18 43.59 0.97 4.41
CA GLU F 18 42.19 0.44 4.32
C GLU F 18 42.22 -1.07 4.04
N ASP F 19 41.16 -1.75 4.43
CA ASP F 19 40.92 -3.16 4.03
C ASP F 19 40.17 -3.16 2.69
N LEU F 20 39.97 -4.36 2.14
CA LEU F 20 39.00 -4.56 1.06
C LEU F 20 37.59 -4.59 1.64
N LEU F 21 37.45 -5.21 2.82
CA LEU F 21 36.20 -5.23 3.57
C LEU F 21 35.67 -3.80 3.70
N VAL F 22 36.50 -2.89 4.20
CA VAL F 22 36.16 -1.46 4.27
C VAL F 22 35.51 -1.02 2.95
N GLU F 23 36.11 -1.45 1.84
CA GLU F 23 35.67 -1.04 0.49
C GLU F 23 34.29 -1.65 0.19
N GLU F 24 34.12 -2.95 0.49
CA GLU F 24 32.85 -3.64 0.17
C GLU F 24 31.70 -3.08 1.02
N LEU F 25 31.95 -3.05 2.32
CA LEU F 25 30.99 -2.60 3.32
C LEU F 25 30.42 -1.25 2.91
N VAL F 26 31.33 -0.31 2.66
CA VAL F 26 30.97 1.05 2.30
C VAL F 26 29.99 1.01 1.12
N ASP F 27 30.45 0.39 0.03
CA ASP F 27 29.62 0.27 -1.17
C ASP F 27 28.23 -0.26 -0.78
N GLY F 28 28.21 -1.39 -0.05
CA GLY F 28 26.93 -1.97 0.43
C GLY F 28 26.05 -0.90 1.09
N LEU F 29 26.64 -0.16 2.01
CA LEU F 29 25.92 0.89 2.73
C LEU F 29 25.37 1.93 1.74
N LEU F 30 26.20 2.35 0.79
CA LEU F 30 25.76 3.37 -0.20
C LEU F 30 24.56 2.85 -1.00
N SER F 31 24.67 1.59 -1.43
CA SER F 31 23.59 0.91 -2.16
C SER F 31 22.31 0.89 -1.32
N LEU F 32 22.43 0.43 -0.07
CA LEU F 32 21.27 0.41 0.86
C LEU F 32 20.67 1.83 1.00
N GLU F 33 21.53 2.83 1.11
CA GLU F 33 21.10 4.24 1.18
C GLU F 33 20.22 4.58 -0.03
N GLU F 34 20.77 4.40 -1.24
CA GLU F 34 19.97 4.64 -2.47
C GLU F 34 18.65 3.86 -2.41
N GLU F 35 18.74 2.55 -2.18
CA GLU F 35 17.54 1.69 -2.02
C GLU F 35 16.49 2.37 -1.13
N LEU F 36 16.94 2.84 0.04
CA LEU F 36 16.00 3.42 1.02
C LEU F 36 15.42 4.73 0.48
N LYS F 37 16.29 5.62 -0.01
CA LYS F 37 15.80 6.85 -0.68
C LYS F 37 14.68 6.50 -1.67
N ASP F 38 14.95 5.52 -2.51
CA ASP F 38 14.01 5.20 -3.59
C ASP F 38 12.72 4.62 -2.99
N LYS F 39 12.85 3.72 -2.01
CA LYS F 39 11.64 3.22 -1.33
C LYS F 39 10.81 4.38 -0.75
N GLU F 40 11.47 5.36 -0.14
CA GLU F 40 10.78 6.54 0.39
C GLU F 40 10.07 7.30 -0.76
N GLU F 41 10.78 7.48 -1.89
CA GLU F 41 10.14 8.10 -3.09
C GLU F 41 8.84 7.35 -3.46
N GLU F 42 8.97 6.03 -3.60
CA GLU F 42 7.83 5.16 -3.92
C GLU F 42 6.67 5.42 -2.92
N LYS F 43 7.01 5.28 -1.63
CA LYS F 43 6.02 5.48 -0.55
C LYS F 43 5.30 6.83 -0.72
N ALA F 44 6.11 7.89 -0.93
CA ALA F 44 5.57 9.24 -1.16
C ALA F 44 4.57 9.22 -2.32
N VAL F 45 5.03 8.75 -3.49
CA VAL F 45 4.15 8.75 -4.67
C VAL F 45 2.84 8.00 -4.37
N LEU F 46 2.95 6.83 -3.73
CA LEU F 46 1.72 6.07 -3.41
C LEU F 46 0.80 6.87 -2.46
N ASP F 47 1.39 7.42 -1.40
CA ASP F 47 0.59 8.28 -0.51
C ASP F 47 -0.16 9.32 -1.36
N GLY F 48 0.60 10.03 -2.22
CA GLY F 48 0.00 10.99 -3.16
C GLY F 48 -1.19 10.40 -3.90
N LEU F 49 -0.97 9.25 -4.55
CA LEU F 49 -2.08 8.60 -5.24
C LEU F 49 -3.28 8.43 -4.29
N LEU F 50 -3.04 7.95 -3.07
CA LEU F 50 -4.20 7.72 -2.19
C LEU F 50 -4.89 9.05 -1.84
N SER F 51 -4.13 10.12 -1.57
CA SER F 51 -4.77 11.44 -1.32
C SER F 51 -5.58 11.90 -2.55
N LEU F 52 -5.03 11.69 -3.74
CA LEU F 52 -5.78 12.03 -4.97
C LEU F 52 -7.07 11.20 -5.04
N GLU F 53 -6.97 9.90 -4.78
CA GLU F 53 -8.15 9.02 -4.85
C GLU F 53 -9.27 9.60 -3.98
N GLU F 54 -8.95 9.89 -2.71
CA GLU F 54 -9.92 10.42 -1.75
C GLU F 54 -10.61 11.66 -2.33
N GLU F 55 -9.82 12.62 -2.81
CA GLU F 55 -10.34 13.94 -3.24
C GLU F 55 -11.48 13.78 -4.27
N SER F 56 -11.56 12.66 -5.00
CA SER F 56 -12.78 12.31 -5.73
C SER F 56 -13.65 11.40 -4.84
N GLU G 4 44.97 13.46 6.16
CA GLU G 4 45.07 14.57 5.18
C GLU G 4 43.92 15.57 5.40
N ASP G 5 43.42 15.69 6.64
CA ASP G 5 42.27 16.53 6.96
C ASP G 5 42.64 17.43 8.15
N PRO G 6 42.27 18.72 8.08
CA PRO G 6 42.44 19.62 9.24
C PRO G 6 41.49 19.26 10.41
N GLU G 7 40.21 19.15 10.10
CA GLU G 7 39.14 18.97 11.10
C GLU G 7 39.12 17.54 11.66
N LYS G 8 40.01 16.68 11.15
CA LYS G 8 40.07 15.29 11.60
C LYS G 8 40.21 15.23 13.12
N GLU G 9 41.16 15.95 13.69
CA GLU G 9 41.39 15.94 15.13
C GLU G 9 40.06 16.21 15.87
N LYS G 10 39.43 17.32 15.47
CA LYS G 10 38.17 17.77 16.05
C LYS G 10 37.14 16.62 15.98
N ARG G 11 36.96 16.10 14.77
CA ARG G 11 36.00 15.00 14.55
C ARG G 11 36.31 13.83 15.51
N ILE G 12 37.57 13.41 15.52
CA ILE G 12 38.02 12.29 16.38
C ILE G 12 37.66 12.59 17.84
N LYS G 13 37.98 13.78 18.32
CA LYS G 13 37.59 14.12 19.71
C LYS G 13 36.07 14.03 19.88
N GLU G 14 35.31 14.51 18.88
CA GLU G 14 33.85 14.45 18.99
C GLU G 14 33.43 12.99 19.17
N LEU G 15 34.04 12.11 18.37
CA LEU G 15 33.71 10.69 18.41
C LEU G 15 34.11 10.07 19.77
N GLU G 16 35.30 10.43 20.23
CA GLU G 16 35.74 10.02 21.58
C GLU G 16 34.67 10.40 22.60
N LEU G 17 34.24 11.66 22.55
CA LEU G 17 33.21 12.13 23.50
C LEU G 17 31.95 11.28 23.38
N LEU G 18 31.48 11.13 22.15
CA LEU G 18 30.29 10.33 21.91
C LEU G 18 30.45 8.96 22.56
N LEU G 19 31.61 8.34 22.38
CA LEU G 19 31.79 6.99 22.91
C LEU G 19 31.81 7.03 24.45
N MET G 20 32.53 7.99 25.03
CA MET G 20 32.57 8.10 26.49
C MET G 20 31.16 8.29 27.06
N SER G 21 30.36 9.14 26.41
CA SER G 21 28.99 9.39 26.90
C SER G 21 28.19 8.09 27.01
N THR G 22 28.70 6.97 26.51
CA THR G 22 27.99 5.68 26.62
C THR G 22 28.09 5.16 28.08
N GLU G 23 29.15 5.53 28.78
CA GLU G 23 29.32 5.12 30.18
C GLU G 23 28.17 5.67 31.03
N ASN G 24 27.99 6.99 30.96
CA ASN G 24 27.11 7.73 31.85
C ASN G 24 25.64 7.59 31.40
N GLU G 25 25.39 6.91 30.29
CA GLU G 25 24.04 6.65 29.81
C GLU G 25 23.51 5.41 30.51
N LEU G 26 24.42 4.45 30.73
CA LEU G 26 24.17 3.28 31.55
C LEU G 26 24.37 3.65 33.04
N TRP H 7 47.06 -4.59 29.64
CA TRP H 7 45.55 -4.70 29.66
C TRP H 7 45.01 -4.93 31.08
N HIS H 8 45.20 -3.93 31.96
CA HIS H 8 44.63 -3.97 33.32
C HIS H 8 43.27 -3.22 33.33
N GLU H 9 42.52 -3.37 32.24
CA GLU H 9 41.20 -2.69 32.08
C GLU H 9 40.07 -3.72 32.23
N HIS H 10 39.17 -3.43 33.16
CA HIS H 10 38.01 -4.29 33.45
C HIS H 10 36.73 -3.61 32.96
N VAL H 11 36.20 -4.04 31.83
CA VAL H 11 34.93 -3.49 31.32
C VAL H 11 33.87 -4.60 31.21
N THR H 12 32.61 -4.20 31.07
CA THR H 12 31.52 -5.17 31.07
C THR H 12 31.11 -5.51 29.62
N GLN H 13 30.54 -6.70 29.47
CA GLN H 13 30.06 -7.19 28.19
C GLN H 13 29.00 -6.21 27.65
N ASP H 14 28.12 -5.79 28.56
CA ASP H 14 27.03 -4.87 28.23
C ASP H 14 27.61 -3.60 27.57
N LEU H 15 28.57 -2.99 28.24
CA LEU H 15 29.19 -1.76 27.75
C LEU H 15 29.77 -1.99 26.35
N ARG H 16 30.52 -3.08 26.20
CA ARG H 16 31.12 -3.37 24.89
C ARG H 16 29.99 -3.48 23.84
N SER H 17 28.95 -4.22 24.16
CA SER H 17 27.82 -4.33 23.25
C SER H 17 27.30 -2.94 22.86
N HIS H 18 27.06 -2.11 23.87
CA HIS H 18 26.55 -0.75 23.63
C HIS H 18 27.50 0.03 22.72
N LEU H 19 28.80 -0.08 22.99
CA LEU H 19 29.80 0.60 22.16
C LEU H 19 29.69 0.11 20.72
N VAL H 20 29.62 -1.20 20.53
CA VAL H 20 29.42 -1.73 19.17
C VAL H 20 28.23 -1.02 18.53
N HIS H 21 27.09 -1.03 19.23
CA HIS H 21 25.87 -0.39 18.67
C HIS H 21 26.14 1.07 18.31
N LYS H 22 26.81 1.82 19.22
CA LYS H 22 27.12 3.23 18.96
C LYS H 22 27.98 3.36 17.69
N LEU H 23 28.97 2.48 17.55
CA LEU H 23 29.79 2.41 16.33
C LEU H 23 28.87 2.34 15.09
N VAL H 24 28.06 1.28 15.12
CA VAL H 24 27.16 1.04 14.01
C VAL H 24 26.36 2.32 13.72
N GLN H 25 25.74 2.89 14.75
CA GLN H 25 24.83 4.03 14.54
C GLN H 25 25.60 5.24 13.99
N ALA H 26 26.84 5.44 14.48
CA ALA H 26 27.64 6.56 13.99
C ALA H 26 28.02 6.35 12.52
N ILE H 27 28.30 5.10 12.15
CA ILE H 27 28.64 4.83 10.74
C ILE H 27 27.38 5.00 9.87
N PHE H 28 26.31 4.33 10.24
CA PHE H 28 25.09 4.32 9.42
C PHE H 28 23.87 4.50 10.33
N PRO H 29 23.56 5.74 10.66
CA PRO H 29 22.44 6.02 11.53
C PRO H 29 21.15 5.60 10.81
N THR H 30 20.41 4.70 11.43
CA THR H 30 19.16 4.24 10.87
C THR H 30 18.15 4.08 12.02
N PRO H 31 17.00 4.77 11.92
CA PRO H 31 15.86 4.53 12.82
C PRO H 31 15.13 3.21 12.52
N ASP H 32 15.02 2.92 11.23
CA ASP H 32 14.33 1.73 10.67
C ASP H 32 14.68 0.45 11.44
N PRO H 33 13.69 -0.45 11.62
CA PRO H 33 13.95 -1.84 11.99
C PRO H 33 14.19 -2.77 10.79
N ALA H 34 13.57 -2.49 9.63
CA ALA H 34 13.61 -3.41 8.47
C ALA H 34 14.97 -3.32 7.76
N ALA H 35 15.76 -2.29 8.06
CA ALA H 35 17.11 -2.17 7.51
C ALA H 35 18.06 -3.11 8.25
N LEU H 36 17.79 -3.30 9.55
CA LEU H 36 18.63 -4.14 10.41
C LEU H 36 18.54 -5.61 9.95
N LYS H 37 17.49 -5.97 9.23
CA LYS H 37 17.29 -7.33 8.72
C LYS H 37 17.94 -7.49 7.33
N ASP H 38 18.56 -6.45 6.80
CA ASP H 38 19.28 -6.54 5.50
C ASP H 38 20.70 -7.08 5.74
N ARG H 39 21.27 -7.74 4.73
CA ARG H 39 22.55 -8.44 4.84
C ARG H 39 23.70 -7.42 5.00
N ARG H 40 23.62 -6.31 4.27
CA ARG H 40 24.68 -5.29 4.29
C ARG H 40 24.82 -4.72 5.72
N MET H 41 23.67 -4.46 6.33
CA MET H 41 23.63 -3.96 7.70
C MET H 41 24.28 -4.99 8.64
N GLU H 42 23.87 -6.26 8.51
CA GLU H 42 24.44 -7.33 9.32
C GLU H 42 25.97 -7.35 9.14
N ASN H 43 26.42 -7.18 7.89
CA ASN H 43 27.85 -7.11 7.57
C ASN H 43 28.50 -5.95 8.34
N LEU H 44 27.82 -4.80 8.34
CA LEU H 44 28.32 -3.66 9.15
C LEU H 44 28.42 -4.07 10.63
N VAL H 45 27.35 -4.62 11.20
CA VAL H 45 27.41 -4.91 12.64
C VAL H 45 28.60 -5.87 12.87
N ALA H 46 28.73 -6.86 12.00
CA ALA H 46 29.81 -7.85 12.15
C ALA H 46 31.16 -7.13 12.12
N TYR H 47 31.34 -6.27 11.12
CA TYR H 47 32.60 -5.53 11.02
C TYR H 47 32.87 -4.77 12.32
N ALA H 48 31.84 -4.07 12.79
CA ALA H 48 31.96 -3.31 14.03
C ALA H 48 32.41 -4.23 15.18
N LYS H 49 31.78 -5.40 15.31
CA LYS H 49 32.17 -6.34 16.38
C LYS H 49 33.66 -6.71 16.26
N LYS H 50 34.08 -6.99 15.04
CA LYS H 50 35.50 -7.33 14.82
C LYS H 50 36.40 -6.17 15.25
N VAL H 51 36.07 -4.96 14.77
CA VAL H 51 36.86 -3.77 15.13
C VAL H 51 36.93 -3.63 16.66
N GLU H 52 35.77 -3.69 17.31
CA GLU H 52 35.70 -3.54 18.77
C GLU H 52 36.60 -4.59 19.42
N GLY H 53 36.49 -5.85 18.98
CA GLY H 53 37.39 -6.90 19.47
C GLY H 53 38.87 -6.51 19.32
N ASP H 54 39.23 -6.11 18.10
CA ASP H 54 40.63 -5.79 17.84
C ASP H 54 41.10 -4.67 18.78
N MET H 55 40.26 -3.64 18.93
CA MET H 55 40.67 -2.51 19.80
C MET H 55 40.74 -2.96 21.27
N TYR H 56 39.78 -3.77 21.70
CA TYR H 56 39.78 -4.33 23.07
C TYR H 56 41.08 -5.11 23.32
N GLU H 57 41.47 -5.94 22.35
CA GLU H 57 42.74 -6.67 22.46
C GLU H 57 43.91 -5.67 22.51
N SER H 58 43.98 -4.75 21.55
CA SER H 58 45.19 -3.91 21.38
C SER H 58 45.36 -2.87 22.50
N ALA H 59 44.28 -2.20 22.89
CA ALA H 59 44.47 -1.00 23.74
C ALA H 59 45.04 -1.40 25.11
N ASN H 60 45.88 -0.52 25.66
CA ASN H 60 46.49 -0.69 26.97
C ASN H 60 45.85 0.28 27.99
N SER H 61 44.74 0.91 27.62
CA SER H 61 43.96 1.74 28.55
C SER H 61 42.59 2.03 27.93
N ARG H 62 41.63 2.42 28.76
CA ARG H 62 40.26 2.69 28.31
C ARG H 62 40.25 3.88 27.33
N ASP H 63 41.05 4.88 27.65
CA ASP H 63 41.15 6.10 26.83
C ASP H 63 41.72 5.76 25.46
N GLU H 64 42.81 4.98 25.45
CA GLU H 64 43.42 4.51 24.21
C GLU H 64 42.38 3.76 23.36
N TYR H 65 41.66 2.87 24.02
CA TYR H 65 40.59 2.07 23.43
C TYR H 65 39.58 2.99 22.72
N TYR H 66 39.00 3.91 23.50
CA TYR H 66 38.06 4.89 22.92
C TYR H 66 38.69 5.63 21.73
N HIS H 67 39.93 6.07 21.92
CA HIS H 67 40.63 6.81 20.86
C HIS H 67 40.67 5.98 19.56
N LEU H 68 41.12 4.73 19.70
CA LEU H 68 41.28 3.85 18.53
C LEU H 68 39.92 3.61 17.87
N LEU H 69 38.91 3.31 18.69
CA LEU H 69 37.56 3.15 18.10
C LEU H 69 37.19 4.42 17.31
N ALA H 70 37.41 5.56 17.93
CA ALA H 70 37.06 6.84 17.28
C ALA H 70 37.79 6.97 15.94
N GLU H 71 39.10 6.76 15.94
CA GLU H 71 39.90 6.79 14.69
C GLU H 71 39.22 5.93 13.60
N LYS H 72 38.91 4.68 13.98
CA LYS H 72 38.33 3.75 13.01
C LYS H 72 36.98 4.27 12.49
N ILE H 73 36.14 4.74 13.41
CA ILE H 73 34.85 5.32 12.96
C ILE H 73 35.11 6.45 11.96
N TYR H 74 36.02 7.35 12.33
CA TYR H 74 36.31 8.50 11.49
C TYR H 74 36.68 8.01 10.09
N LYS H 75 37.61 7.04 10.06
CA LYS H 75 38.07 6.56 8.75
C LYS H 75 36.88 6.06 7.94
N ILE H 76 36.06 5.20 8.55
CA ILE H 76 34.94 4.63 7.79
C ILE H 76 34.04 5.75 7.26
N GLN H 77 33.77 6.71 8.13
CA GLN H 77 32.90 7.82 7.74
C GLN H 77 33.52 8.58 6.56
N LYS H 78 34.81 8.89 6.65
CA LYS H 78 35.48 9.61 5.57
C LYS H 78 35.33 8.83 4.27
N GLU H 79 35.64 7.53 4.32
CA GLU H 79 35.55 6.68 3.10
C GLU H 79 34.12 6.82 2.51
N LEU H 80 33.11 6.60 3.37
CA LEU H 80 31.70 6.68 2.95
C LEU H 80 31.40 8.04 2.30
N GLU H 81 31.84 9.13 2.94
CA GLU H 81 31.60 10.46 2.38
C GLU H 81 32.24 10.56 0.99
N GLU H 82 33.52 10.20 0.92
CA GLU H 82 34.26 10.26 -0.35
C GLU H 82 33.50 9.49 -1.44
N LYS H 83 33.12 8.25 -1.13
CA LYS H 83 32.40 7.45 -2.12
C LYS H 83 31.07 8.10 -2.47
N ARG H 84 30.35 8.68 -1.50
CA ARG H 84 29.10 9.37 -1.85
C ARG H 84 29.38 10.46 -2.90
N ARG H 85 30.31 11.35 -2.61
CA ARG H 85 30.70 12.41 -3.54
C ARG H 85 31.07 11.80 -4.91
N SER H 86 31.87 10.73 -4.90
CA SER H 86 32.24 10.08 -6.17
C SER H 86 31.00 9.72 -7.00
N ARG H 87 29.91 9.35 -6.33
CA ARG H 87 28.75 8.71 -7.01
C ARG H 87 27.70 9.78 -7.30
N ASP I 5 2.83 -18.83 -9.46
CA ASP I 5 2.20 -20.19 -9.41
C ASP I 5 0.74 -20.08 -8.94
N PRO I 6 0.43 -19.18 -7.97
CA PRO I 6 -1.01 -18.87 -7.66
C PRO I 6 -1.64 -18.08 -8.82
N GLU I 7 -2.60 -17.17 -8.60
CA GLU I 7 -3.08 -16.26 -9.65
C GLU I 7 -2.03 -15.20 -10.01
N LYS I 8 -0.93 -15.16 -9.24
CA LYS I 8 0.14 -14.20 -9.52
C LYS I 8 0.64 -14.38 -10.96
N GLU I 9 0.97 -15.60 -11.31
CA GLU I 9 1.47 -15.96 -12.63
C GLU I 9 0.52 -15.38 -13.70
N LYS I 10 -0.75 -15.72 -13.56
CA LYS I 10 -1.79 -15.29 -14.48
C LYS I 10 -1.75 -13.76 -14.61
N ARG I 11 -1.81 -13.08 -13.47
CA ARG I 11 -1.81 -11.61 -13.46
C ARG I 11 -0.57 -11.09 -14.22
N ILE I 12 0.60 -11.62 -13.87
CA ILE I 12 1.87 -11.21 -14.49
C ILE I 12 1.77 -11.37 -16.01
N LYS I 13 1.32 -12.55 -16.46
CA LYS I 13 1.17 -12.74 -17.91
C LYS I 13 0.20 -11.71 -18.49
N GLU I 14 -0.90 -11.44 -17.77
CA GLU I 14 -1.88 -10.48 -18.26
C GLU I 14 -1.19 -9.13 -18.48
N LEU I 15 -0.38 -8.75 -17.50
CA LEU I 15 0.30 -7.46 -17.56
C LEU I 15 1.32 -7.46 -18.72
N GLU I 16 2.07 -8.54 -18.85
CA GLU I 16 2.97 -8.71 -20.01
C GLU I 16 2.19 -8.45 -21.31
N LEU I 17 1.04 -9.14 -21.44
CA LEU I 17 0.23 -9.00 -22.66
C LEU I 17 -0.19 -7.55 -22.85
N LEU I 18 -0.73 -6.95 -21.78
CA LEU I 18 -1.14 -5.56 -21.84
C LEU I 18 0.00 -4.70 -22.36
N LEU I 19 1.21 -4.94 -21.86
CA LEU I 19 2.34 -4.10 -22.28
C LEU I 19 2.68 -4.38 -23.75
N MET I 20 2.71 -5.65 -24.14
CA MET I 20 2.99 -6.00 -25.55
C MET I 20 1.96 -5.34 -26.48
N SER I 21 0.70 -5.35 -26.10
CA SER I 21 -0.35 -4.75 -26.95
C SER I 21 -0.04 -3.27 -27.24
N THR I 22 0.95 -2.68 -26.57
CA THR I 22 1.31 -1.28 -26.84
C THR I 22 2.07 -1.17 -28.17
N GLU I 23 2.71 -2.25 -28.62
CA GLU I 23 3.38 -2.28 -29.93
C GLU I 23 2.35 -2.00 -31.03
N ASN I 24 1.34 -2.85 -31.08
CA ASN I 24 0.33 -2.81 -32.17
C ASN I 24 -0.81 -1.86 -31.76
N GLU I 25 -0.54 -0.77 -31.06
CA GLU I 25 -1.58 -0.05 -30.27
C GLU I 25 -2.43 1.00 -31.02
N LEU I 26 -1.88 2.14 -31.47
CA LEU I 26 -2.80 3.23 -31.92
C LEU I 26 -3.07 3.09 -33.43
N ARG J 4 26.09 -6.83 -27.66
CA ARG J 4 25.62 -6.28 -26.34
C ARG J 4 24.08 -6.32 -26.29
N LYS J 5 23.46 -5.27 -25.72
CA LYS J 5 21.99 -5.21 -25.57
C LYS J 5 21.35 -4.81 -26.89
N GLY J 6 21.47 -5.74 -27.85
CA GLY J 6 21.06 -5.53 -29.21
C GLY J 6 19.59 -5.20 -29.31
N TRP J 7 18.77 -5.83 -28.46
CA TRP J 7 17.33 -5.67 -28.52
C TRP J 7 16.94 -4.19 -28.48
N HIS J 8 17.85 -3.31 -28.05
CA HIS J 8 17.60 -1.87 -27.96
C HIS J 8 17.39 -1.24 -29.35
N GLU J 9 17.98 -1.86 -30.37
CA GLU J 9 17.95 -1.31 -31.72
C GLU J 9 16.53 -1.37 -32.28
N HIS J 10 15.68 -2.22 -31.72
CA HIS J 10 14.34 -2.46 -32.24
C HIS J 10 13.27 -1.84 -31.32
N VAL J 11 13.66 -0.95 -30.41
CA VAL J 11 12.71 -0.30 -29.52
C VAL J 11 12.81 1.21 -29.75
N THR J 12 11.69 1.85 -30.01
CA THR J 12 11.64 3.26 -30.36
C THR J 12 11.29 4.10 -29.12
N GLN J 13 11.63 5.38 -29.18
CA GLN J 13 11.29 6.34 -28.11
C GLN J 13 9.78 6.37 -27.91
N ASP J 14 9.05 6.39 -29.01
CA ASP J 14 7.60 6.43 -29.02
C ASP J 14 7.05 5.25 -28.19
N LEU J 15 7.51 4.05 -28.52
CA LEU J 15 7.05 2.84 -27.81
C LEU J 15 7.32 2.98 -26.31
N ARG J 16 8.53 3.40 -25.97
CA ARG J 16 8.89 3.57 -24.55
C ARG J 16 7.91 4.55 -23.90
N SER J 17 7.68 5.68 -24.57
CA SER J 17 6.73 6.66 -24.05
C SER J 17 5.37 5.98 -23.78
N HIS J 18 4.87 5.27 -24.80
CA HIS J 18 3.57 4.60 -24.67
C HIS J 18 3.59 3.63 -23.48
N LEU J 19 4.66 2.86 -23.35
CA LEU J 19 4.80 1.92 -22.24
C LEU J 19 4.73 2.68 -20.90
N VAL J 20 5.47 3.77 -20.80
CA VAL J 20 5.39 4.58 -19.59
C VAL J 20 3.91 4.90 -19.30
N HIS J 21 3.22 5.43 -20.32
CA HIS J 21 1.81 5.82 -20.11
C HIS J 21 0.98 4.60 -19.65
N LYS J 22 1.18 3.46 -20.29
CA LYS J 22 0.46 2.21 -19.91
C LYS J 22 0.74 1.86 -18.45
N LEU J 23 2.00 1.97 -18.04
CA LEU J 23 2.39 1.80 -16.62
C LEU J 23 1.52 2.68 -15.74
N VAL J 24 1.60 3.99 -16.03
CA VAL J 24 0.83 4.96 -15.27
C VAL J 24 -0.63 4.49 -15.18
N GLN J 25 -1.25 4.19 -16.33
CA GLN J 25 -2.69 3.87 -16.36
C GLN J 25 -2.98 2.59 -15.57
N ALA J 26 -2.08 1.61 -15.66
CA ALA J 26 -2.26 0.36 -14.90
C ALA J 26 -2.15 0.62 -13.40
N ILE J 27 -1.25 1.51 -12.99
CA ILE J 27 -1.13 1.84 -11.57
C ILE J 27 -2.38 2.61 -11.12
N PHE J 28 -2.70 3.69 -11.82
CA PHE J 28 -3.80 4.54 -11.41
C PHE J 28 -4.65 4.93 -12.63
N PRO J 29 -5.65 4.08 -12.99
CA PRO J 29 -6.63 4.61 -13.95
C PRO J 29 -7.31 5.87 -13.38
N ASP J 32 -9.39 11.25 -16.67
CA ASP J 32 -9.00 12.64 -16.46
C ASP J 32 -10.21 13.46 -15.98
N PRO J 33 -10.47 13.41 -14.65
CA PRO J 33 -11.22 14.45 -13.93
C PRO J 33 -10.27 15.58 -13.44
N ALA J 34 -9.46 16.08 -14.38
CA ALA J 34 -8.42 17.10 -14.12
C ALA J 34 -7.26 16.53 -13.29
N ALA J 35 -7.15 15.21 -13.26
CA ALA J 35 -6.21 14.51 -12.39
C ALA J 35 -4.82 14.57 -13.03
N LEU J 36 -4.76 14.53 -14.35
CA LEU J 36 -3.48 14.52 -15.07
C LEU J 36 -2.71 15.82 -14.83
N LYS J 37 -3.45 16.89 -14.51
CA LYS J 37 -2.85 18.20 -14.27
C LYS J 37 -2.41 18.37 -12.81
N ASP J 38 -2.65 17.36 -11.97
CA ASP J 38 -2.29 17.42 -10.55
C ASP J 38 -0.82 16.98 -10.37
N ARG J 39 -0.19 17.47 -9.30
CA ARG J 39 1.26 17.25 -9.07
C ARG J 39 1.52 15.78 -8.72
N ARG J 40 0.63 15.15 -7.97
CA ARG J 40 0.81 13.77 -7.54
C ARG J 40 0.85 12.84 -8.77
N MET J 41 -0.05 13.11 -9.71
CA MET J 41 -0.10 12.36 -10.95
C MET J 41 1.22 12.53 -11.72
N GLU J 42 1.67 13.78 -11.84
CA GLU J 42 2.94 14.08 -12.52
C GLU J 42 4.07 13.29 -11.82
N ASN J 43 4.03 13.26 -10.50
CA ASN J 43 5.01 12.47 -9.70
C ASN J 43 4.92 10.99 -10.08
N LEU J 44 3.70 10.49 -10.24
CA LEU J 44 3.54 9.10 -10.72
C LEU J 44 4.18 8.96 -12.12
N VAL J 45 3.85 9.83 -13.05
CA VAL J 45 4.43 9.68 -14.40
C VAL J 45 5.97 9.66 -14.26
N ALA J 46 6.50 10.59 -13.47
CA ALA J 46 7.96 10.64 -13.29
C ALA J 46 8.49 9.31 -12.74
N TYR J 47 7.82 8.80 -11.70
CA TYR J 47 8.22 7.51 -11.14
C TYR J 47 8.23 6.43 -12.24
N ALA J 48 7.15 6.41 -13.01
CA ALA J 48 7.02 5.44 -14.09
C ALA J 48 8.20 5.59 -15.06
N LYS J 49 8.56 6.81 -15.44
CA LYS J 49 9.70 7.01 -16.36
C LYS J 49 10.97 6.40 -15.75
N LYS J 50 11.18 6.67 -14.46
CA LYS J 50 12.36 6.10 -13.79
C LYS J 50 12.33 4.56 -13.86
N VAL J 51 11.19 3.97 -13.48
CA VAL J 51 11.04 2.52 -13.52
C VAL J 51 11.36 1.98 -14.93
N GLU J 52 10.70 2.59 -15.93
CA GLU J 52 10.90 2.16 -17.32
C GLU J 52 12.39 2.26 -17.67
N GLY J 53 13.03 3.37 -17.32
CA GLY J 53 14.48 3.49 -17.52
C GLY J 53 15.25 2.34 -16.88
N ASP J 54 14.97 2.09 -15.60
CA ASP J 54 15.70 1.03 -14.89
C ASP J 54 15.52 -0.31 -15.63
N MET J 55 14.28 -0.61 -16.02
CA MET J 55 14.06 -1.90 -16.70
C MET J 55 14.76 -1.92 -18.08
N TYR J 56 14.68 -0.81 -18.81
CA TYR J 56 15.37 -0.68 -20.11
C TYR J 56 16.87 -0.93 -19.94
N GLU J 57 17.47 -0.32 -18.92
CA GLU J 57 18.88 -0.56 -18.64
C GLU J 57 19.11 -2.05 -18.28
N SER J 58 18.34 -2.59 -17.35
CA SER J 58 18.64 -3.93 -16.80
C SER J 58 18.37 -5.06 -17.81
N ALA J 59 17.26 -5.01 -18.53
CA ALA J 59 16.83 -6.23 -19.26
C ALA J 59 17.84 -6.58 -20.36
N ASN J 60 18.02 -7.88 -20.61
CA ASN J 60 18.91 -8.37 -21.68
C ASN J 60 18.08 -8.89 -22.87
N SER J 61 16.77 -8.63 -22.88
CA SER J 61 15.90 -8.96 -24.01
C SER J 61 14.56 -8.24 -23.86
N ARG J 62 13.80 -8.13 -24.94
CA ARG J 62 12.52 -7.41 -24.95
C ARG J 62 11.52 -8.11 -24.00
N ASP J 63 11.54 -9.44 -24.05
CA ASP J 63 10.64 -10.26 -23.24
C ASP J 63 10.95 -10.06 -21.75
N GLU J 64 12.23 -10.12 -21.41
CA GLU J 64 12.70 -9.89 -20.05
C GLU J 64 12.22 -8.51 -19.58
N TYR J 65 12.41 -7.52 -20.43
CA TYR J 65 12.00 -6.13 -20.20
C TYR J 65 10.51 -6.08 -19.83
N TYR J 66 9.68 -6.60 -20.75
CA TYR J 66 8.21 -6.66 -20.47
C TYR J 66 7.94 -7.37 -19.13
N HIS J 67 8.62 -8.50 -18.93
CA HIS J 67 8.42 -9.27 -17.72
C HIS J 67 8.68 -8.41 -16.47
N LEU J 68 9.84 -7.76 -16.47
CA LEU J 68 10.26 -6.94 -15.34
C LEU J 68 9.26 -5.81 -15.11
N LEU J 69 8.90 -5.11 -16.19
CA LEU J 69 7.88 -4.05 -16.04
C LEU J 69 6.64 -4.65 -15.37
N ALA J 70 6.19 -5.80 -15.88
CA ALA J 70 4.96 -6.41 -15.35
C ALA J 70 5.10 -6.68 -13.83
N GLU J 71 6.22 -7.34 -13.47
CA GLU J 71 6.48 -7.63 -12.05
C GLU J 71 6.36 -6.36 -11.20
N LYS J 72 7.04 -5.31 -11.66
CA LYS J 72 7.06 -4.05 -10.91
C LYS J 72 5.64 -3.48 -10.79
N ILE J 73 4.90 -3.47 -11.91
CA ILE J 73 3.51 -2.99 -11.84
C ILE J 73 2.75 -3.79 -10.77
N TYR J 74 2.86 -5.11 -10.85
CA TYR J 74 2.10 -5.95 -9.93
C TYR J 74 2.42 -5.57 -8.49
N LYS J 75 3.72 -5.45 -8.22
CA LYS J 75 4.15 -5.08 -6.86
C LYS J 75 3.49 -3.75 -6.45
N ILE J 76 3.61 -2.74 -7.31
CA ILE J 76 3.08 -1.41 -6.94
C ILE J 76 1.57 -1.54 -6.67
N GLN J 77 0.89 -2.28 -7.51
CA GLN J 77 -0.55 -2.45 -7.35
C GLN J 77 -0.84 -3.07 -5.98
N LYS J 78 -0.13 -4.16 -5.66
CA LYS J 78 -0.36 -4.79 -4.36
C LYS J 78 -0.17 -3.77 -3.21
N GLU J 79 0.96 -3.05 -3.27
CA GLU J 79 1.26 -2.05 -2.24
C GLU J 79 0.09 -1.05 -2.14
N LEU J 80 -0.31 -0.50 -3.27
CA LEU J 80 -1.44 0.47 -3.35
C LEU J 80 -2.71 -0.12 -2.72
N GLU J 81 -3.03 -1.38 -3.05
CA GLU J 81 -4.22 -2.01 -2.47
C GLU J 81 -4.07 -2.03 -0.95
N GLU J 82 -2.92 -2.57 -0.49
CA GLU J 82 -2.65 -2.65 0.97
C GLU J 82 -2.86 -1.28 1.63
N LYS J 83 -2.23 -0.26 1.07
CA LYS J 83 -2.36 1.09 1.65
C LYS J 83 -3.82 1.59 1.62
N ARG J 84 -4.56 1.31 0.55
CA ARG J 84 -5.98 1.73 0.54
C ARG J 84 -6.73 1.05 1.70
N ARG J 85 -6.59 -0.28 1.82
CA ARG J 85 -7.21 -1.00 2.96
C ARG J 85 -6.79 -0.32 4.27
N SER J 86 -5.49 -0.04 4.42
CA SER J 86 -5.01 0.61 5.64
C SER J 86 -5.77 1.91 5.92
N ARG J 87 -6.01 2.70 4.86
CA ARG J 87 -6.58 4.05 5.02
C ARG J 87 -8.12 4.05 5.13
N LEU J 88 -8.79 2.90 5.09
CA LEU J 88 -10.27 2.92 5.21
C LEU J 88 -10.72 3.75 6.42
#